data_1KWE
#
_entry.id   1KWE
#
_entity_poly.entity_id   1
_entity_poly.type   'polypeptide(L)'
_entity_poly.pdbx_seq_one_letter_code
;PCSICSNNPTCWAICK
;
_entity_poly.pdbx_strand_id   A
#
# COMPACT_ATOMS: atom_id res chain seq x y z
N PRO A 1 2.35 5.99 -5.50
CA PRO A 1 1.74 4.65 -5.45
C PRO A 1 2.73 3.60 -4.91
N CYS A 2 2.28 2.81 -3.92
CA CYS A 2 3.08 1.75 -3.28
C CYS A 2 2.67 0.40 -3.93
N SER A 3 3.65 -0.25 -4.59
CA SER A 3 3.45 -1.57 -5.28
C SER A 3 3.25 -2.79 -4.34
N ILE A 4 4.19 -3.10 -3.42
CA ILE A 4 4.11 -4.22 -2.43
C ILE A 4 3.10 -3.90 -1.25
N CYS A 5 1.79 -3.84 -1.60
CA CYS A 5 0.67 -3.55 -0.65
C CYS A 5 -0.51 -4.47 -1.06
N SER A 6 -0.52 -5.70 -0.48
CA SER A 6 -1.55 -6.76 -0.73
C SER A 6 -1.90 -7.66 0.51
N ASN A 7 -0.90 -8.19 1.25
CA ASN A 7 -1.11 -9.08 2.44
C ASN A 7 -1.78 -8.47 3.70
N ASN A 8 -1.39 -7.24 4.13
CA ASN A 8 -1.95 -6.55 5.31
C ASN A 8 -2.39 -5.15 4.74
N PRO A 9 -3.64 -4.85 4.19
CA PRO A 9 -4.01 -3.52 3.64
C PRO A 9 -3.89 -2.31 4.61
N THR A 10 -2.74 -1.60 4.47
CA THR A 10 -2.38 -0.39 5.28
C THR A 10 -1.64 0.62 4.33
N CYS A 11 -0.46 0.27 3.74
CA CYS A 11 0.29 1.16 2.81
C CYS A 11 -0.33 1.53 1.43
N TRP A 12 -1.45 0.91 1.03
CA TRP A 12 -2.15 1.17 -0.27
C TRP A 12 -2.88 2.55 -0.41
N ALA A 13 -3.64 3.00 0.61
CA ALA A 13 -4.41 4.27 0.58
C ALA A 13 -3.67 5.64 0.62
N ILE A 14 -2.42 5.74 1.12
CA ILE A 14 -1.66 7.02 1.24
C ILE A 14 -0.22 6.85 0.65
N CYS A 15 -0.12 6.97 -0.70
CA CYS A 15 1.14 6.90 -1.46
C CYS A 15 1.00 7.88 -2.65
N LYS A 16 1.91 8.87 -2.72
CA LYS A 16 1.95 9.91 -3.78
C LYS A 16 3.41 9.95 -4.27
N PRO A 1 2.97 5.74 -6.09
CA PRO A 1 2.27 4.46 -5.92
C PRO A 1 3.27 3.36 -5.47
N CYS A 2 2.93 2.65 -4.38
CA CYS A 2 3.75 1.56 -3.81
C CYS A 2 3.13 0.24 -4.33
N SER A 3 3.74 -0.30 -5.41
CA SER A 3 3.29 -1.57 -6.07
C SER A 3 3.51 -2.90 -5.30
N ILE A 4 4.70 -3.13 -4.68
CA ILE A 4 5.05 -4.38 -3.91
C ILE A 4 4.28 -4.33 -2.54
N CYS A 5 2.97 -4.66 -2.57
CA CYS A 5 2.08 -4.74 -1.39
C CYS A 5 1.07 -5.86 -1.74
N SER A 6 1.30 -7.04 -1.12
CA SER A 6 0.47 -8.25 -1.33
C SER A 6 -0.84 -8.28 -0.48
N ASN A 7 -0.75 -8.28 0.88
CA ASN A 7 -1.93 -8.25 1.81
C ASN A 7 -1.47 -7.46 3.06
N ASN A 8 -1.67 -6.12 3.02
CA ASN A 8 -1.32 -5.17 4.10
C ASN A 8 -2.37 -4.00 3.94
N PRO A 9 -3.62 -3.94 4.56
CA PRO A 9 -4.58 -2.80 4.37
C PRO A 9 -4.13 -1.32 4.45
N THR A 10 -3.04 -1.00 5.20
CA THR A 10 -2.50 0.38 5.37
C THR A 10 -1.78 0.95 4.09
N CYS A 11 -0.87 0.18 3.44
CA CYS A 11 -0.11 0.62 2.23
C CYS A 11 -0.84 1.28 1.02
N TRP A 12 -2.11 0.89 0.75
CA TRP A 12 -2.94 1.43 -0.37
C TRP A 12 -3.45 2.90 -0.21
N ALA A 13 -4.16 3.22 0.90
CA ALA A 13 -4.71 4.59 1.15
C ALA A 13 -3.73 5.77 1.41
N ILE A 14 -2.52 5.51 1.95
CA ILE A 14 -1.47 6.54 2.25
C ILE A 14 -0.63 6.75 0.92
N CYS A 15 0.16 5.73 0.49
CA CYS A 15 1.01 5.77 -0.72
C CYS A 15 0.13 5.49 -1.99
N LYS A 16 -0.36 6.59 -2.57
CA LYS A 16 -1.22 6.58 -3.79
C LYS A 16 -0.34 7.10 -4.93
N PRO A 1 5.22 5.90 -6.19
CA PRO A 1 4.26 4.78 -6.30
C PRO A 1 4.69 3.58 -5.44
N CYS A 2 3.76 3.06 -4.61
CA CYS A 2 4.01 1.90 -3.72
C CYS A 2 3.56 0.61 -4.46
N SER A 3 4.54 -0.04 -5.12
CA SER A 3 4.32 -1.31 -5.88
C SER A 3 4.07 -2.59 -5.03
N ILE A 4 4.98 -2.94 -4.08
CA ILE A 4 4.85 -4.13 -3.17
C ILE A 4 3.76 -3.91 -2.07
N CYS A 5 2.48 -3.95 -2.50
CA CYS A 5 1.29 -3.79 -1.62
C CYS A 5 0.25 -4.80 -2.15
N SER A 6 0.18 -5.94 -1.44
CA SER A 6 -0.74 -7.07 -1.73
C SER A 6 -1.28 -7.53 -0.36
N ASN A 7 -2.60 -7.30 -0.15
CA ASN A 7 -3.38 -7.62 1.10
C ASN A 7 -2.70 -7.12 2.44
N ASN A 8 -2.70 -5.78 2.62
CA ASN A 8 -2.11 -5.10 3.80
C ASN A 8 -2.95 -3.75 3.89
N PRO A 9 -4.06 -3.53 4.71
CA PRO A 9 -4.79 -2.23 4.74
C PRO A 9 -4.05 -0.86 4.83
N THR A 10 -2.82 -0.82 5.38
CA THR A 10 -1.99 0.43 5.52
C THR A 10 -1.37 0.96 4.18
N CYS A 11 -0.53 0.15 3.48
CA CYS A 11 0.11 0.56 2.19
C CYS A 11 -0.77 0.88 0.96
N TRP A 12 -2.03 0.39 0.89
CA TRP A 12 -2.97 0.64 -0.24
C TRP A 12 -3.55 2.10 -0.34
N ALA A 13 -4.13 2.65 0.74
CA ALA A 13 -4.74 4.01 0.77
C ALA A 13 -3.76 5.23 0.73
N ILE A 14 -2.77 5.33 1.65
CA ILE A 14 -1.79 6.45 1.70
C ILE A 14 -0.58 5.75 2.39
N CYS A 15 0.46 5.44 1.60
CA CYS A 15 1.71 4.82 2.08
C CYS A 15 2.73 5.95 2.33
N LYS A 16 3.04 6.17 3.63
CA LYS A 16 3.99 7.21 4.09
C LYS A 16 5.33 6.49 4.36
N PRO A 1 2.57 5.78 -7.07
CA PRO A 1 2.05 4.43 -6.82
C PRO A 1 3.13 3.52 -6.21
N CYS A 2 2.79 2.84 -5.10
CA CYS A 2 3.70 1.92 -4.37
C CYS A 2 3.33 0.49 -4.82
N SER A 3 4.30 -0.18 -5.48
CA SER A 3 4.14 -1.58 -5.99
C SER A 3 4.09 -2.72 -4.93
N ILE A 4 5.04 -2.77 -3.96
CA ILE A 4 5.10 -3.80 -2.86
C ILE A 4 3.99 -3.57 -1.77
N CYS A 5 2.73 -3.84 -2.15
CA CYS A 5 1.53 -3.72 -1.28
C CYS A 5 0.58 -4.85 -1.75
N SER A 6 0.61 -5.96 -0.99
CA SER A 6 -0.19 -7.19 -1.24
C SER A 6 -0.67 -7.67 0.13
N ASN A 7 -2.01 -7.70 0.30
CA ASN A 7 -2.74 -8.09 1.55
C ASN A 7 -2.27 -7.42 2.88
N ASN A 8 -2.43 -6.07 2.93
CA ASN A 8 -2.05 -5.20 4.08
C ASN A 8 -2.96 -3.93 3.90
N PRO A 9 -4.10 -3.61 4.63
CA PRO A 9 -4.90 -2.36 4.39
C PRO A 9 -4.21 -0.97 4.52
N THR A 10 -3.14 -0.83 5.34
CA THR A 10 -2.39 0.45 5.53
C THR A 10 -1.58 0.98 4.31
N CYS A 11 -0.67 0.16 3.71
CA CYS A 11 0.16 0.57 2.53
C CYS A 11 -0.53 1.03 1.21
N TRP A 12 -1.74 0.55 0.91
CA TRP A 12 -2.48 0.87 -0.35
C TRP A 12 -3.10 2.30 -0.44
N ALA A 13 -3.95 2.70 0.53
CA ALA A 13 -4.61 4.03 0.58
C ALA A 13 -3.74 5.28 0.92
N ILE A 14 -2.72 5.18 1.80
CA ILE A 14 -1.83 6.30 2.23
C ILE A 14 -0.40 5.70 2.35
N CYS A 15 0.37 5.77 1.23
CA CYS A 15 1.75 5.27 1.14
C CYS A 15 2.70 6.46 1.44
N LYS A 16 3.38 6.38 2.60
CA LYS A 16 4.33 7.41 3.08
C LYS A 16 5.52 6.66 3.69
N PRO A 1 2.67 5.99 -7.11
CA PRO A 1 2.14 4.64 -6.81
C PRO A 1 3.21 3.76 -6.15
N CYS A 2 2.85 3.12 -5.02
CA CYS A 2 3.76 2.23 -4.25
C CYS A 2 3.35 0.78 -4.63
N SER A 3 4.27 0.08 -5.31
CA SER A 3 4.07 -1.31 -5.81
C SER A 3 4.03 -2.45 -4.74
N ILE A 4 4.92 -2.46 -3.73
CA ILE A 4 4.99 -3.50 -2.64
C ILE A 4 3.80 -3.35 -1.61
N CYS A 5 2.57 -3.67 -2.07
CA CYS A 5 1.32 -3.64 -1.26
C CYS A 5 0.45 -4.78 -1.86
N SER A 6 0.45 -5.93 -1.16
CA SER A 6 -0.30 -7.15 -1.55
C SER A 6 -1.29 -7.65 -0.45
N ASN A 7 -0.83 -7.98 0.78
CA ASN A 7 -1.68 -8.43 1.92
C ASN A 7 -1.27 -7.63 3.20
N ASN A 8 -1.68 -6.33 3.26
CA ASN A 8 -1.42 -5.40 4.38
C ASN A 8 -2.52 -4.28 4.15
N PRO A 9 -3.70 -4.13 4.87
CA PRO A 9 -4.70 -3.06 4.59
C PRO A 9 -4.27 -1.55 4.64
N THR A 10 -3.25 -1.19 5.46
CA THR A 10 -2.74 0.21 5.61
C THR A 10 -1.94 0.74 4.37
N CYS A 11 -0.92 -0.01 3.86
CA CYS A 11 -0.08 0.42 2.69
C CYS A 11 -0.71 0.92 1.37
N TRP A 12 -1.96 0.52 1.04
CA TRP A 12 -2.66 0.90 -0.23
C TRP A 12 -3.14 2.38 -0.33
N ALA A 13 -3.90 2.88 0.68
CA ALA A 13 -4.40 4.28 0.72
C ALA A 13 -3.38 5.44 0.96
N ILE A 14 -2.20 5.18 1.56
CA ILE A 14 -1.13 6.19 1.86
C ILE A 14 -0.52 6.96 0.63
N CYS A 15 -0.07 6.22 -0.41
CA CYS A 15 0.55 6.76 -1.63
C CYS A 15 -0.55 7.24 -2.63
N LYS A 16 -0.46 8.52 -3.01
CA LYS A 16 -1.41 9.17 -3.95
C LYS A 16 -0.74 9.14 -5.34
N PRO A 1 4.53 5.31 -7.30
CA PRO A 1 3.45 4.34 -7.03
C PRO A 1 3.94 3.17 -6.16
N CYS A 2 3.18 2.87 -5.09
CA CYS A 2 3.51 1.77 -4.13
C CYS A 2 2.82 0.45 -4.61
N SER A 3 3.55 -0.31 -5.45
CA SER A 3 3.08 -1.61 -6.02
C SER A 3 3.02 -2.81 -5.03
N ILE A 4 4.15 -3.14 -4.33
CA ILE A 4 4.24 -4.26 -3.32
C ILE A 4 3.50 -3.91 -1.98
N CYS A 5 2.14 -3.87 -2.05
CA CYS A 5 1.25 -3.59 -0.90
C CYS A 5 0.04 -4.57 -1.00
N SER A 6 0.19 -5.72 -0.32
CA SER A 6 -0.82 -6.83 -0.28
C SER A 6 -0.98 -7.61 1.07
N ASN A 7 0.11 -7.86 1.82
CA ASN A 7 0.09 -8.64 3.11
C ASN A 7 -0.76 -8.11 4.31
N ASN A 8 -0.78 -6.79 4.58
CA ASN A 8 -1.53 -6.18 5.71
C ASN A 8 -2.23 -4.93 5.07
N PRO A 9 -3.58 -4.86 4.70
CA PRO A 9 -4.21 -3.64 4.09
C PRO A 9 -4.17 -2.35 4.97
N THR A 10 -3.11 -1.55 4.70
CA THR A 10 -2.80 -0.24 5.36
C THR A 10 -2.01 0.68 4.35
N CYS A 11 -0.81 0.26 3.89
CA CYS A 11 0.04 0.99 2.91
C CYS A 11 -0.54 1.47 1.54
N TRP A 12 -1.70 0.93 1.10
CA TRP A 12 -2.33 1.28 -0.22
C TRP A 12 -2.98 2.69 -0.34
N ALA A 13 -3.79 3.12 0.65
CA ALA A 13 -4.47 4.45 0.64
C ALA A 13 -3.64 5.75 0.82
N ILE A 14 -2.40 5.70 1.33
CA ILE A 14 -1.54 6.91 1.56
C ILE A 14 -0.18 6.47 0.94
N CYS A 15 0.05 6.91 -0.32
CA CYS A 15 1.29 6.66 -1.10
C CYS A 15 1.65 7.99 -1.80
N LYS A 16 2.84 8.53 -1.47
CA LYS A 16 3.36 9.80 -2.04
C LYS A 16 4.85 9.59 -2.27
N PRO A 1 4.50 5.39 -6.34
CA PRO A 1 3.64 4.19 -6.35
C PRO A 1 4.17 3.11 -5.38
N CYS A 2 3.28 2.59 -4.52
CA CYS A 2 3.62 1.54 -3.52
C CYS A 2 3.16 0.19 -4.12
N SER A 3 4.15 -0.59 -4.60
CA SER A 3 3.93 -1.93 -5.23
C SER A 3 3.50 -3.07 -4.25
N ILE A 4 4.32 -3.40 -3.21
CA ILE A 4 4.04 -4.45 -2.19
C ILE A 4 2.94 -3.99 -1.15
N CYS A 5 1.68 -3.84 -1.63
CA CYS A 5 0.51 -3.42 -0.79
C CYS A 5 -0.72 -4.25 -1.28
N SER A 6 -0.88 -5.44 -0.67
CA SER A 6 -1.98 -6.42 -0.96
C SER A 6 -2.44 -7.28 0.26
N ASN A 7 -1.51 -7.97 0.97
CA ASN A 7 -1.83 -8.83 2.16
C ASN A 7 -2.12 -8.04 3.48
N ASN A 8 -1.29 -7.04 3.87
CA ASN A 8 -1.48 -6.23 5.09
C ASN A 8 -2.08 -4.88 4.53
N PRO A 9 -3.44 -4.63 4.33
CA PRO A 9 -3.97 -3.36 3.77
C PRO A 9 -3.81 -2.14 4.74
N THR A 10 -2.67 -1.45 4.54
CA THR A 10 -2.28 -0.22 5.31
C THR A 10 -1.59 0.76 4.30
N CYS A 11 -0.44 0.40 3.65
CA CYS A 11 0.25 1.28 2.66
C CYS A 11 -0.46 1.59 1.30
N TRP A 12 -1.59 0.95 0.98
CA TRP A 12 -2.37 1.14 -0.28
C TRP A 12 -3.11 2.52 -0.41
N ALA A 13 -3.90 2.95 0.61
CA ALA A 13 -4.65 4.24 0.60
C ALA A 13 -3.85 5.57 0.72
N ILE A 14 -2.68 5.59 1.41
CA ILE A 14 -1.84 6.80 1.60
C ILE A 14 -0.38 6.33 1.30
N CYS A 15 0.04 6.46 0.02
CA CYS A 15 1.38 6.09 -0.46
C CYS A 15 2.25 7.37 -0.45
N LYS A 16 3.24 7.38 0.46
CA LYS A 16 4.19 8.50 0.64
C LYS A 16 5.59 7.89 0.70
N PRO A 1 7.88 4.06 -5.45
CA PRO A 1 6.59 3.46 -5.86
C PRO A 1 6.15 2.36 -4.87
N CYS A 2 4.88 2.44 -4.42
CA CYS A 2 4.28 1.47 -3.46
C CYS A 2 3.68 0.23 -4.21
N SER A 3 4.59 -0.69 -4.63
CA SER A 3 4.24 -1.95 -5.34
C SER A 3 3.58 -3.06 -4.45
N ILE A 4 4.30 -3.57 -3.42
CA ILE A 4 3.82 -4.64 -2.47
C ILE A 4 2.76 -4.09 -1.46
N CYS A 5 1.53 -3.83 -1.97
CA CYS A 5 0.38 -3.34 -1.16
C CYS A 5 -0.88 -4.17 -1.58
N SER A 6 -1.01 -5.36 -0.94
CA SER A 6 -2.13 -6.35 -1.16
C SER A 6 -2.53 -7.22 0.07
N ASN A 7 -1.57 -7.68 0.91
CA ASN A 7 -1.81 -8.52 2.11
C ASN A 7 -1.86 -7.55 3.30
N ASN A 8 -3.06 -7.39 3.88
CA ASN A 8 -3.41 -6.50 5.02
C ASN A 8 -3.39 -4.99 4.57
N PRO A 9 -4.48 -4.15 4.39
CA PRO A 9 -4.35 -2.74 3.89
C PRO A 9 -3.68 -1.77 4.90
N THR A 10 -2.47 -1.29 4.53
CA THR A 10 -1.67 -0.32 5.32
C THR A 10 -1.10 0.71 4.27
N CYS A 11 -0.10 0.36 3.42
CA CYS A 11 0.42 1.26 2.35
C CYS A 11 -0.50 1.58 1.12
N TRP A 12 -1.61 0.84 0.94
CA TRP A 12 -2.58 1.03 -0.17
C TRP A 12 -3.46 2.31 -0.11
N ALA A 13 -4.07 2.64 1.06
CA ALA A 13 -4.93 3.84 1.25
C ALA A 13 -4.31 5.25 1.18
N ILE A 14 -3.01 5.44 1.50
CA ILE A 14 -2.31 6.76 1.46
C ILE A 14 -0.94 6.57 0.72
N CYS A 15 -1.00 6.58 -0.62
CA CYS A 15 0.17 6.43 -1.53
C CYS A 15 -0.02 7.47 -2.65
N LYS A 16 0.93 8.43 -2.74
CA LYS A 16 0.91 9.52 -3.76
C LYS A 16 1.88 9.08 -4.87
N PRO A 1 1.63 5.54 -7.56
CA PRO A 1 1.21 4.20 -7.11
C PRO A 1 2.41 3.37 -6.61
N CYS A 2 2.26 2.80 -5.39
CA CYS A 2 3.30 1.97 -4.75
C CYS A 2 2.94 0.49 -5.01
N SER A 3 3.83 -0.21 -5.73
CA SER A 3 3.66 -1.66 -6.09
C SER A 3 3.82 -2.69 -4.93
N ILE A 4 4.88 -2.58 -4.09
CA ILE A 4 5.16 -3.49 -2.92
C ILE A 4 4.17 -3.20 -1.73
N CYS A 5 2.89 -3.61 -1.92
CA CYS A 5 1.80 -3.45 -0.91
C CYS A 5 0.97 -4.76 -1.00
N SER A 6 1.26 -5.67 -0.04
CA SER A 6 0.63 -7.00 0.09
C SER A 6 0.57 -7.37 1.59
N ASN A 7 -0.63 -7.84 2.04
CA ASN A 7 -0.94 -8.29 3.44
C ASN A 7 -1.15 -7.05 4.36
N ASN A 8 -2.30 -7.02 5.06
CA ASN A 8 -2.75 -5.96 6.01
C ASN A 8 -3.19 -4.66 5.22
N PRO A 9 -4.51 -4.26 4.98
CA PRO A 9 -4.84 -3.02 4.21
C PRO A 9 -4.52 -1.71 4.99
N THR A 10 -3.28 -1.22 4.75
CA THR A 10 -2.71 0.03 5.36
C THR A 10 -1.81 0.76 4.29
N CYS A 11 -0.76 0.11 3.73
CA CYS A 11 0.14 0.71 2.70
C CYS A 11 -0.44 1.24 1.36
N TRP A 12 -1.63 0.74 0.93
CA TRP A 12 -2.26 1.13 -0.37
C TRP A 12 -2.88 2.56 -0.45
N ALA A 13 -3.74 2.95 0.53
CA ALA A 13 -4.41 4.28 0.56
C ALA A 13 -3.56 5.54 0.89
N ILE A 14 -2.47 5.43 1.68
CA ILE A 14 -1.58 6.58 2.04
C ILE A 14 -0.20 5.85 2.03
N CYS A 15 0.58 6.08 0.96
CA CYS A 15 1.93 5.51 0.76
C CYS A 15 2.94 6.59 1.20
N LYS A 16 3.68 6.29 2.28
CA LYS A 16 4.72 7.18 2.88
C LYS A 16 5.94 6.32 3.22
N PRO A 1 1.44 6.85 -3.19
CA PRO A 1 0.96 5.54 -3.67
C PRO A 1 2.11 4.71 -4.29
N CYS A 2 2.26 3.45 -3.85
CA CYS A 2 3.29 2.50 -4.33
C CYS A 2 2.64 1.12 -4.59
N SER A 3 2.95 0.53 -5.76
CA SER A 3 2.42 -0.81 -6.18
C SER A 3 2.79 -2.05 -5.32
N ILE A 4 4.01 -2.10 -4.72
CA ILE A 4 4.51 -3.22 -3.85
C ILE A 4 3.76 -3.20 -2.46
N CYS A 5 2.51 -3.71 -2.47
CA CYS A 5 1.64 -3.82 -1.27
C CYS A 5 1.08 -5.26 -1.26
N SER A 6 1.73 -6.08 -0.41
CA SER A 6 1.35 -7.51 -0.17
C SER A 6 0.07 -7.77 0.69
N ASN A 7 -0.34 -6.81 1.56
CA ASN A 7 -1.54 -6.91 2.41
C ASN A 7 -2.17 -5.50 2.28
N ASN A 8 -3.33 -5.45 1.60
CA ASN A 8 -4.10 -4.20 1.30
C ASN A 8 -4.32 -3.11 2.42
N PRO A 9 -4.58 -3.30 3.78
CA PRO A 9 -4.79 -2.18 4.72
C PRO A 9 -3.47 -1.44 5.11
N THR A 10 -3.55 -0.09 5.20
CA THR A 10 -2.40 0.83 5.53
C THR A 10 -1.41 1.06 4.34
N CYS A 11 -0.89 0.00 3.71
CA CYS A 11 0.03 0.10 2.53
C CYS A 11 -0.59 0.61 1.20
N TRP A 12 -1.84 0.22 0.86
CA TRP A 12 -2.53 0.59 -0.42
C TRP A 12 -3.01 2.07 -0.54
N ALA A 13 -3.83 2.57 0.42
CA ALA A 13 -4.39 3.95 0.41
C ALA A 13 -3.44 5.15 0.65
N ILE A 14 -2.43 5.06 1.54
CA ILE A 14 -1.47 6.16 1.88
C ILE A 14 -0.08 5.49 2.08
N CYS A 15 0.69 5.39 0.98
CA CYS A 15 2.05 4.80 0.96
C CYS A 15 3.05 5.98 1.03
N LYS A 16 3.77 6.06 2.16
CA LYS A 16 4.78 7.11 2.44
C LYS A 16 6.04 6.37 2.92
N PRO A 1 0.14 5.03 -8.22
CA PRO A 1 0.34 3.58 -7.98
C PRO A 1 1.41 3.33 -6.91
N CYS A 2 1.09 2.48 -5.92
CA CYS A 2 2.01 2.12 -4.80
C CYS A 2 2.10 0.57 -4.80
N SER A 3 3.23 0.06 -5.32
CA SER A 3 3.52 -1.40 -5.44
C SER A 3 3.81 -2.18 -4.12
N ILE A 4 4.70 -1.69 -3.23
CA ILE A 4 5.10 -2.36 -1.94
C ILE A 4 4.00 -2.31 -0.81
N CYS A 5 2.81 -2.87 -1.09
CA CYS A 5 1.66 -2.99 -0.15
C CYS A 5 0.89 -4.23 -0.66
N SER A 6 1.14 -5.38 0.01
CA SER A 6 0.54 -6.70 -0.30
C SER A 6 0.40 -7.49 1.03
N ASN A 7 -0.81 -8.07 1.23
CA ASN A 7 -1.23 -8.87 2.43
C ASN A 7 -1.59 -7.88 3.57
N ASN A 8 -2.91 -7.83 3.94
CA ASN A 8 -3.49 -6.93 4.99
C ASN A 8 -3.58 -5.47 4.40
N PRO A 9 -4.72 -4.78 3.98
CA PRO A 9 -4.67 -3.41 3.42
C PRO A 9 -4.44 -2.32 4.53
N THR A 10 -3.20 -1.75 4.54
CA THR A 10 -2.78 -0.68 5.50
C THR A 10 -2.00 0.43 4.73
N CYS A 11 -0.75 0.19 4.28
CA CYS A 11 0.05 1.19 3.50
C CYS A 11 -0.37 1.53 2.04
N TRP A 12 -1.33 0.79 1.45
CA TRP A 12 -1.81 0.96 0.04
C TRP A 12 -2.41 2.34 -0.36
N ALA A 13 -3.29 2.93 0.48
CA ALA A 13 -3.95 4.24 0.21
C ALA A 13 -3.10 5.55 0.25
N ILE A 14 -2.07 5.65 1.14
CA ILE A 14 -1.21 6.86 1.31
C ILE A 14 0.22 6.35 1.65
N CYS A 15 1.07 6.20 0.61
CA CYS A 15 2.46 5.76 0.73
C CYS A 15 3.35 7.03 0.86
N LYS A 16 4.04 7.14 2.01
CA LYS A 16 4.95 8.26 2.33
C LYS A 16 6.15 7.64 3.07
#